data_3NHJ
#
_entry.id   3NHJ
#
_cell.length_a   56.126
_cell.length_b   83.594
_cell.length_c   106.367
_cell.angle_alpha   90.000
_cell.angle_beta   90.000
_cell.angle_gamma   90.000
#
_symmetry.space_group_name_H-M   'P 21 21 21'
#
loop_
_entity.id
_entity.type
_entity.pdbx_description
1 polymer 'Ribosyldihydronicotinamide dehydrogenase [quinone]'
2 non-polymer 'ZINC ION'
3 non-polymer 'FLAVIN-ADENINE DINUCLEOTIDE'
4 non-polymer 6,9-dimethyl[1,3]dioxolo[4,5-h]quinolin-8(9H)-one
5 water water
#
_entity_poly.entity_id   1
_entity_poly.type   'polypeptide(L)'
_entity_poly.pdbx_seq_one_letter_code
;AGKKVLIVYAHQEPKSFNGSLKNVAVDELSRQGCTVTVSDLYAMNFEPRATDKDITGTLSNPEVFNYGVETHEAYKQRSL
ASDITDEQKKVREADLVIFQFPLYWFSVPAILKGWMDRVLCQGFAFDIPGFYDSGLLQGKLALLSVTTGGTAEMYTKTGV
NGDSRYFLWPLQHGTLHFCGFKVLAPQISFAPEIASEEERKGMVAAWSQRLQTIWKEEPIPCTAHWHFGQ
;
_entity_poly.pdbx_strand_id   A,B
#
loop_
_chem_comp.id
_chem_comp.type
_chem_comp.name
_chem_comp.formula
A2Z non-polymer 6,9-dimethyl[1,3]dioxolo[4,5-h]quinolin-8(9H)-one 'C12 H11 N O3'
FAD non-polymer 'FLAVIN-ADENINE DINUCLEOTIDE' 'C27 H33 N9 O15 P2'
ZN non-polymer 'ZINC ION' 'Zn 2'
#
# COMPACT_ATOMS: atom_id res chain seq x y z
N ALA A 1 4.87 8.05 -29.70
CA ALA A 1 5.58 7.77 -30.99
C ALA A 1 6.94 8.49 -31.05
N GLY A 2 8.04 7.77 -31.34
CA GLY A 2 8.11 6.27 -31.42
C GLY A 2 8.44 5.69 -30.04
N LYS A 3 7.43 5.71 -29.17
CA LYS A 3 7.64 5.36 -27.78
C LYS A 3 6.82 4.12 -27.40
N LYS A 4 7.26 3.37 -26.38
CA LYS A 4 6.39 2.34 -25.75
C LYS A 4 5.81 2.76 -24.39
N VAL A 5 4.50 2.56 -24.27
CA VAL A 5 3.72 2.86 -23.08
C VAL A 5 3.13 1.57 -22.49
N LEU A 6 3.37 1.37 -21.20
CA LEU A 6 2.68 0.35 -20.43
C LEU A 6 1.68 1.04 -19.53
N ILE A 7 0.42 0.65 -19.63
CA ILE A 7 -0.54 1.07 -18.62
C ILE A 7 -0.82 -0.12 -17.66
N VAL A 8 -0.55 0.06 -16.35
CA VAL A 8 -0.87 -0.91 -15.26
C VAL A 8 -2.15 -0.44 -14.66
N TYR A 9 -3.20 -1.22 -14.84
CA TYR A 9 -4.54 -0.73 -14.62
C TYR A 9 -5.18 -1.61 -13.54
N ALA A 10 -5.85 -0.99 -12.57
CA ALA A 10 -6.29 -1.76 -11.39
C ALA A 10 -7.69 -1.34 -11.03
N HIS A 11 -8.66 -1.82 -11.81
CA HIS A 11 -10.08 -1.66 -11.52
C HIS A 11 -10.85 -2.90 -12.00
N GLN A 12 -11.87 -3.27 -11.20
CA GLN A 12 -12.65 -4.53 -11.38
C GLN A 12 -13.65 -4.42 -12.55
N GLU A 13 -14.06 -3.21 -12.84
CA GLU A 13 -15.20 -2.90 -13.70
C GLU A 13 -14.78 -2.09 -14.95
N PRO A 14 -14.95 -2.71 -16.13
CA PRO A 14 -14.68 -1.99 -17.40
C PRO A 14 -15.51 -0.71 -17.58
N LYS A 15 -16.77 -0.63 -17.12
CA LYS A 15 -17.58 0.61 -17.31
C LYS A 15 -17.28 1.68 -16.26
N SER A 16 -16.24 1.47 -15.45
CA SER A 16 -15.95 2.41 -14.38
C SER A 16 -15.36 3.65 -15.00
N PHE A 17 -15.28 4.69 -14.21
CA PHE A 17 -14.53 5.86 -14.56
C PHE A 17 -13.04 5.54 -14.77
N ASN A 18 -12.48 4.65 -13.97
CA ASN A 18 -11.12 4.19 -14.20
C ASN A 18 -10.98 3.49 -15.55
N GLY A 19 -11.96 2.65 -15.92
CA GLY A 19 -11.95 2.03 -17.25
C GLY A 19 -11.90 3.05 -18.37
N SER A 20 -12.74 4.07 -18.26
CA SER A 20 -12.81 5.14 -19.21
C SER A 20 -11.50 5.87 -19.33
N LEU A 21 -10.82 6.12 -18.23
CA LEU A 21 -9.57 6.86 -18.32
C LEU A 21 -8.50 6.00 -18.92
N LYS A 22 -8.63 4.69 -18.76
CA LYS A 22 -7.62 3.82 -19.32
C LYS A 22 -7.88 3.71 -20.86
N ASN A 23 -9.15 3.69 -21.21
CA ASN A 23 -9.62 3.50 -22.56
C ASN A 23 -9.29 4.74 -23.40
N VAL A 24 -9.38 5.94 -22.84
CA VAL A 24 -8.84 7.12 -23.55
C VAL A 24 -7.33 7.18 -23.56
N ALA A 25 -6.66 6.64 -22.54
CA ALA A 25 -5.22 6.64 -22.63
C ALA A 25 -4.76 5.72 -23.76
N VAL A 26 -5.36 4.53 -23.89
CA VAL A 26 -5.15 3.63 -25.04
C VAL A 26 -5.45 4.31 -26.40
N ASP A 27 -6.67 4.82 -26.57
CA ASP A 27 -7.06 5.53 -27.80
C ASP A 27 -6.15 6.68 -28.21
N GLU A 28 -5.90 7.63 -27.31
CA GLU A 28 -5.11 8.77 -27.62
C GLU A 28 -3.66 8.42 -27.95
N LEU A 29 -3.05 7.53 -27.17
CA LEU A 29 -1.68 7.13 -27.45
C LEU A 29 -1.59 6.17 -28.65
N SER A 30 -2.61 5.35 -28.85
CA SER A 30 -2.72 4.54 -30.09
C SER A 30 -2.72 5.48 -31.32
N ARG A 31 -3.69 6.41 -31.37
CA ARG A 31 -3.76 7.53 -32.34
C ARG A 31 -2.43 8.19 -32.66
N GLN A 32 -1.64 8.53 -31.65
CA GLN A 32 -0.37 9.21 -31.83
C GLN A 32 0.73 8.32 -32.38
N GLY A 33 0.48 7.01 -32.52
CA GLY A 33 1.48 6.08 -33.08
C GLY A 33 2.26 5.27 -32.05
N CYS A 34 1.98 5.54 -30.79
CA CYS A 34 2.77 4.94 -29.71
C CYS A 34 2.50 3.44 -29.63
N THR A 35 3.48 2.69 -29.20
CA THR A 35 3.24 1.31 -28.85
C THR A 35 2.65 1.18 -27.43
N VAL A 36 1.49 0.52 -27.32
CA VAL A 36 0.72 0.52 -26.08
C VAL A 36 0.49 -0.94 -25.58
N THR A 37 0.73 -1.18 -24.29
CA THR A 37 0.42 -2.45 -23.64
C THR A 37 -0.34 -2.11 -22.36
N VAL A 38 -1.35 -2.91 -22.04
CA VAL A 38 -2.14 -2.74 -20.80
C VAL A 38 -2.01 -4.02 -19.97
N SER A 39 -1.63 -3.88 -18.68
CA SER A 39 -1.72 -4.98 -17.72
C SER A 39 -2.96 -4.69 -16.88
N ASP A 40 -4.08 -5.35 -17.21
CA ASP A 40 -5.33 -5.32 -16.48
C ASP A 40 -5.25 -6.35 -15.36
N LEU A 41 -4.74 -5.92 -14.20
CA LEU A 41 -4.46 -6.80 -13.06
C LEU A 41 -5.70 -7.58 -12.62
N TYR A 42 -6.86 -6.99 -12.48
CA TYR A 42 -7.96 -7.85 -12.06
C TYR A 42 -8.30 -8.95 -13.11
N ALA A 43 -8.28 -8.59 -14.40
CA ALA A 43 -8.63 -9.57 -15.43
C ALA A 43 -7.54 -10.62 -15.54
N MET A 44 -6.31 -10.27 -15.16
CA MET A 44 -5.25 -11.29 -15.15
C MET A 44 -5.34 -12.09 -13.82
N ASN A 45 -6.22 -11.69 -12.90
CA ASN A 45 -6.18 -12.25 -11.53
C ASN A 45 -4.74 -12.16 -10.98
N PHE A 46 -4.09 -11.03 -11.19
CA PHE A 46 -2.69 -10.88 -10.74
C PHE A 46 -2.46 -11.24 -9.26
N GLU A 47 -1.39 -11.97 -9.00
CA GLU A 47 -1.12 -12.52 -7.66
C GLU A 47 -0.40 -11.44 -6.88
N PRO A 48 -1.04 -10.87 -5.86
CA PRO A 48 -0.35 -9.82 -5.10
C PRO A 48 0.63 -10.32 -3.99
N ARG A 49 0.51 -11.58 -3.58
CA ARG A 49 1.32 -12.02 -2.45
C ARG A 49 2.77 -12.32 -2.82
N ALA A 50 3.70 -11.81 -2.02
CA ALA A 50 5.10 -12.11 -2.19
C ALA A 50 5.38 -13.39 -1.47
N THR A 51 5.58 -14.49 -2.21
CA THR A 51 5.79 -15.77 -1.54
C THR A 51 6.85 -16.56 -2.26
N ASP A 52 7.13 -17.75 -1.71
CA ASP A 52 8.13 -18.69 -2.22
C ASP A 52 7.81 -19.24 -3.62
N LYS A 53 6.54 -19.23 -4.02
CA LYS A 53 6.14 -19.60 -5.38
C LYS A 53 6.65 -18.66 -6.49
N ASP A 54 7.22 -17.52 -6.10
CA ASP A 54 7.73 -16.49 -7.03
C ASP A 54 9.07 -16.89 -7.58
N ILE A 55 9.63 -17.92 -6.97
CA ILE A 55 10.86 -18.58 -7.39
C ILE A 55 10.54 -20.02 -7.80
N THR A 56 10.89 -20.31 -9.04
CA THR A 56 10.73 -21.64 -9.63
C THR A 56 11.94 -22.53 -9.28
N GLY A 57 11.78 -23.85 -9.40
CA GLY A 57 12.92 -24.76 -9.17
C GLY A 57 13.24 -24.85 -7.68
N THR A 58 14.45 -24.43 -7.29
CA THR A 58 14.87 -24.48 -5.87
C THR A 58 15.63 -23.23 -5.40
N LEU A 59 15.59 -23.00 -4.09
CA LEU A 59 15.99 -21.74 -3.47
C LEU A 59 17.39 -21.76 -2.83
N SER A 60 18.01 -20.59 -2.66
CA SER A 60 19.29 -20.47 -1.96
C SER A 60 19.26 -21.16 -0.60
N ASN A 61 18.15 -20.98 0.14
CA ASN A 61 18.03 -21.42 1.54
C ASN A 61 16.59 -21.78 1.96
N PRO A 62 16.21 -23.06 1.83
CA PRO A 62 14.88 -23.45 2.33
C PRO A 62 14.75 -23.63 3.88
N GLU A 63 15.80 -23.30 4.63
CA GLU A 63 15.74 -23.29 6.10
C GLU A 63 15.08 -22.01 6.62
N VAL A 64 15.53 -20.85 6.11
CA VAL A 64 14.97 -19.53 6.43
C VAL A 64 14.71 -18.77 5.10
N PHE A 65 13.43 -18.69 4.70
CA PHE A 65 13.01 -17.93 3.51
C PHE A 65 13.02 -16.41 3.75
N ASN A 66 13.99 -15.72 3.14
CA ASN A 66 14.00 -14.22 3.02
C ASN A 66 13.58 -13.85 1.59
N TYR A 67 12.49 -13.11 1.45
CA TYR A 67 11.92 -12.86 0.12
C TYR A 67 12.79 -12.00 -0.80
N GLY A 68 13.35 -10.93 -0.25
CA GLY A 68 14.24 -10.04 -0.99
C GLY A 68 15.51 -10.70 -1.52
N VAL A 69 16.16 -11.47 -0.66
CA VAL A 69 17.39 -12.11 -1.05
C VAL A 69 17.12 -13.12 -2.14
N GLU A 70 16.07 -13.91 -1.95
CA GLU A 70 15.69 -14.99 -2.88
C GLU A 70 15.23 -14.49 -4.24
N THR A 71 14.48 -13.38 -4.26
CA THR A 71 13.99 -12.89 -5.53
C THR A 71 15.13 -12.23 -6.31
N HIS A 72 15.99 -11.50 -5.60
CA HIS A 72 17.23 -10.97 -6.18
C HIS A 72 18.08 -12.04 -6.90
N GLU A 73 18.37 -13.15 -6.21
CA GLU A 73 19.14 -14.26 -6.77
C GLU A 73 18.38 -14.92 -7.89
N ALA A 74 17.05 -14.88 -7.82
CA ALA A 74 16.24 -15.51 -8.86
C ALA A 74 16.15 -14.65 -10.12
N TYR A 75 16.16 -13.33 -9.97
CA TYR A 75 16.28 -12.43 -11.11
C TYR A 75 17.61 -12.60 -11.87
N LYS A 76 18.73 -12.56 -11.14
CA LYS A 76 20.06 -12.81 -11.68
C LYS A 76 20.22 -14.17 -12.37
N GLN A 77 19.57 -15.20 -11.82
CA GLN A 77 19.60 -16.56 -12.36
C GLN A 77 18.37 -16.89 -13.20
N ARG A 78 17.64 -15.86 -13.63
CA ARG A 78 16.41 -15.99 -14.46
C ARG A 78 15.45 -17.10 -14.04
N SER A 79 15.23 -17.22 -12.73
CA SER A 79 14.32 -18.23 -12.20
C SER A 79 13.09 -17.65 -11.45
N LEU A 80 12.70 -16.41 -11.80
CA LEU A 80 11.46 -15.86 -11.26
C LEU A 80 10.27 -16.53 -11.93
N ALA A 81 9.12 -16.47 -11.28
CA ALA A 81 7.90 -16.99 -11.83
C ALA A 81 7.54 -16.16 -13.04
N SER A 82 6.85 -16.80 -13.98
CA SER A 82 6.67 -16.23 -15.30
C SER A 82 5.73 -14.99 -15.31
N ASP A 83 4.77 -14.92 -14.38
CA ASP A 83 3.92 -13.73 -14.27
C ASP A 83 4.76 -12.52 -13.99
N ILE A 84 5.78 -12.70 -13.16
CA ILE A 84 6.67 -11.61 -12.82
C ILE A 84 7.59 -11.25 -13.98
N THR A 85 8.16 -12.25 -14.63
CA THR A 85 9.13 -12.01 -15.74
C THR A 85 8.39 -11.36 -16.95
N ASP A 86 7.14 -11.76 -17.20
CA ASP A 86 6.32 -11.08 -18.19
C ASP A 86 6.18 -9.57 -17.89
N GLU A 87 5.95 -9.20 -16.61
CA GLU A 87 5.68 -7.79 -16.31
C GLU A 87 6.98 -7.02 -16.39
N GLN A 88 8.06 -7.64 -15.96
CA GLN A 88 9.35 -6.99 -16.02
C GLN A 88 9.75 -6.66 -17.49
N LYS A 89 9.44 -7.57 -18.41
CA LYS A 89 9.78 -7.33 -19.83
C LYS A 89 8.95 -6.16 -20.35
N LYS A 90 7.66 -6.11 -19.98
CA LYS A 90 6.89 -4.92 -20.35
C LYS A 90 7.48 -3.62 -19.78
N VAL A 91 8.03 -3.67 -18.56
CA VAL A 91 8.48 -2.46 -17.88
C VAL A 91 9.80 -2.12 -18.52
N ARG A 92 10.65 -3.12 -18.65
CA ARG A 92 11.95 -2.98 -19.27
C ARG A 92 11.89 -2.22 -20.62
N GLU A 93 10.95 -2.60 -21.46
CA GLU A 93 10.77 -2.01 -22.80
C GLU A 93 10.03 -0.68 -22.80
N ALA A 94 9.27 -0.41 -21.74
CA ALA A 94 8.41 0.79 -21.70
C ALA A 94 9.20 2.10 -21.59
N ASP A 95 8.78 3.18 -22.24
CA ASP A 95 9.38 4.49 -22.01
C ASP A 95 8.54 5.30 -21.02
N LEU A 96 7.25 4.94 -20.90
CA LEU A 96 6.35 5.50 -19.94
C LEU A 96 5.51 4.37 -19.32
N VAL A 97 5.48 4.33 -17.99
CA VAL A 97 4.52 3.56 -17.23
C VAL A 97 3.48 4.45 -16.63
N ILE A 98 2.23 4.22 -16.99
CA ILE A 98 1.09 4.86 -16.38
C ILE A 98 0.38 3.87 -15.45
N PHE A 99 0.07 4.32 -14.23
CA PHE A 99 -0.67 3.56 -13.23
C PHE A 99 -2.00 4.12 -13.14
N GLN A 100 -3.03 3.32 -13.47
CA GLN A 100 -4.38 3.81 -13.40
C GLN A 100 -5.16 3.09 -12.32
N PHE A 101 -5.51 3.79 -11.24
CA PHE A 101 -6.17 3.21 -10.10
C PHE A 101 -7.01 4.17 -9.25
N PRO A 102 -8.06 3.61 -8.57
CA PRO A 102 -8.80 4.28 -7.47
C PRO A 102 -7.91 4.22 -6.25
N LEU A 103 -7.90 5.31 -5.51
CA LEU A 103 -7.10 5.43 -4.29
C LEU A 103 -7.73 4.57 -3.18
N TYR A 104 -6.97 3.63 -2.59
CA TYR A 104 -7.54 2.82 -1.52
C TYR A 104 -6.68 3.15 -0.32
N TRP A 105 -7.27 3.81 0.69
CA TRP A 105 -6.54 4.07 1.89
C TRP A 105 -5.26 4.83 1.64
N PHE A 106 -5.40 5.93 0.88
CA PHE A 106 -4.31 6.89 0.66
C PHE A 106 -3.18 6.20 -0.12
N SER A 107 -3.52 5.19 -0.92
CA SER A 107 -2.48 4.40 -1.61
C SER A 107 -3.05 3.60 -2.81
N VAL A 108 -2.30 2.62 -3.28
CA VAL A 108 -2.76 1.75 -4.36
C VAL A 108 -3.59 0.57 -3.82
N PRO A 109 -4.56 0.08 -4.60
CA PRO A 109 -5.20 -1.16 -4.17
C PRO A 109 -4.18 -2.23 -4.02
N ALA A 110 -4.49 -3.18 -3.13
CA ALA A 110 -3.56 -4.26 -2.83
C ALA A 110 -3.11 -5.01 -4.05
N ILE A 111 -4.00 -5.18 -5.01
CA ILE A 111 -3.54 -5.97 -6.22
C ILE A 111 -2.38 -5.26 -6.96
N LEU A 112 -2.47 -3.93 -6.98
CA LEU A 112 -1.41 -3.09 -7.56
C LEU A 112 -0.24 -2.98 -6.57
N LYS A 113 -0.50 -2.95 -5.24
CA LYS A 113 0.69 -2.98 -4.34
C LYS A 113 1.47 -4.26 -4.58
N GLY A 114 0.78 -5.37 -4.82
CA GLY A 114 1.51 -6.59 -5.10
C GLY A 114 2.28 -6.61 -6.40
N TRP A 115 1.73 -5.97 -7.41
CA TRP A 115 2.47 -5.83 -8.68
C TRP A 115 3.77 -5.10 -8.32
N MET A 116 3.65 -3.97 -7.62
CA MET A 116 4.87 -3.32 -7.21
C MET A 116 5.77 -4.14 -6.29
N ASP A 117 5.24 -4.85 -5.27
CA ASP A 117 6.17 -5.69 -4.44
C ASP A 117 6.83 -6.80 -5.30
N ARG A 118 6.09 -7.34 -6.27
CA ARG A 118 6.63 -8.53 -6.93
C ARG A 118 7.48 -8.24 -8.18
N VAL A 119 7.14 -7.22 -8.93
CA VAL A 119 7.76 -6.99 -10.26
C VAL A 119 8.98 -6.08 -10.15
N LEU A 120 8.87 -5.08 -9.30
CA LEU A 120 9.95 -4.17 -9.04
C LEU A 120 10.98 -4.77 -8.08
N CYS A 121 11.54 -5.94 -8.43
CA CYS A 121 12.41 -6.70 -7.52
C CYS A 121 13.87 -6.24 -7.52
N GLN A 122 14.62 -6.72 -6.53
CA GLN A 122 16.04 -6.36 -6.42
C GLN A 122 16.79 -7.06 -7.55
N GLY A 123 17.53 -6.26 -8.31
CA GLY A 123 18.22 -6.76 -9.50
C GLY A 123 17.61 -6.18 -10.77
N PHE A 124 16.34 -5.81 -10.69
CA PHE A 124 15.62 -5.27 -11.83
C PHE A 124 15.27 -3.80 -11.61
N ALA A 125 14.62 -3.52 -10.47
CA ALA A 125 14.11 -2.19 -10.14
C ALA A 125 15.18 -1.28 -9.50
N PHE A 126 16.16 -1.92 -8.87
CA PHE A 126 17.10 -1.28 -7.93
C PHE A 126 18.05 -2.38 -7.51
N ASP A 127 19.20 -2.00 -6.94
CA ASP A 127 20.16 -2.99 -6.48
C ASP A 127 20.99 -2.49 -5.26
N ILE A 128 20.51 -2.78 -4.05
CA ILE A 128 21.11 -2.32 -2.76
C ILE A 128 22.67 -2.35 -2.66
N PRO A 129 23.33 -1.18 -2.88
CA PRO A 129 22.80 0.11 -3.44
C PRO A 129 23.19 0.51 -4.92
N GLY A 130 22.28 1.26 -5.55
CA GLY A 130 22.31 1.68 -6.97
C GLY A 130 20.87 2.16 -7.22
N PHE A 131 20.53 3.28 -6.58
CA PHE A 131 19.13 3.69 -6.41
C PHE A 131 18.93 5.19 -6.46
N TYR A 132 17.70 5.58 -6.16
CA TYR A 132 17.17 6.94 -6.36
C TYR A 132 17.45 7.52 -7.74
N ASP A 133 18.29 8.55 -7.85
CA ASP A 133 18.54 9.10 -9.19
C ASP A 133 19.27 8.10 -10.11
N SER A 134 20.03 7.18 -9.50
CA SER A 134 20.67 6.07 -10.23
C SER A 134 19.98 4.69 -10.10
N GLY A 135 18.69 4.66 -9.75
CA GLY A 135 17.94 3.41 -9.75
C GLY A 135 18.00 2.76 -11.14
N LEU A 136 17.83 1.44 -11.20
CA LEU A 136 18.01 0.66 -12.45
C LEU A 136 17.09 0.98 -13.64
N LEU A 137 16.03 1.73 -13.41
CA LEU A 137 15.06 2.01 -14.45
C LEU A 137 15.12 3.47 -14.89
N GLN A 138 16.31 4.08 -14.81
CA GLN A 138 16.42 5.53 -15.15
C GLN A 138 16.27 5.79 -16.64
N GLY A 139 15.63 6.89 -17.00
CA GLY A 139 15.28 7.12 -18.41
C GLY A 139 13.78 6.92 -18.67
N LYS A 140 13.12 6.12 -17.85
CA LYS A 140 11.70 5.85 -18.01
C LYS A 140 10.89 6.89 -17.28
N LEU A 141 9.78 7.30 -17.88
CA LEU A 141 8.79 8.14 -17.22
C LEU A 141 7.81 7.25 -16.45
N ALA A 142 7.20 7.81 -15.41
CA ALA A 142 6.15 7.09 -14.66
C ALA A 142 5.21 8.14 -14.25
N LEU A 143 3.94 7.79 -14.23
CA LEU A 143 2.90 8.73 -14.00
C LEU A 143 1.79 8.05 -13.25
N LEU A 144 1.39 8.58 -12.09
CA LEU A 144 0.17 8.08 -11.46
C LEU A 144 -1.09 8.75 -11.95
N SER A 145 -2.06 7.98 -12.41
CA SER A 145 -3.36 8.54 -12.67
C SER A 145 -4.37 7.96 -11.68
N VAL A 146 -4.69 8.73 -10.63
CA VAL A 146 -5.44 8.34 -9.45
C VAL A 146 -6.83 8.96 -9.45
N THR A 147 -7.89 8.17 -9.21
CA THR A 147 -9.19 8.74 -8.85
C THR A 147 -9.42 8.68 -7.31
N THR A 148 -10.22 9.61 -6.77
CA THR A 148 -10.45 9.68 -5.33
C THR A 148 -11.94 9.61 -5.03
N GLY A 149 -12.29 9.22 -3.81
CA GLY A 149 -13.68 9.35 -3.31
C GLY A 149 -13.86 10.76 -2.79
N GLY A 150 -12.83 11.26 -2.09
CA GLY A 150 -12.81 12.60 -1.53
C GLY A 150 -12.50 13.76 -2.48
N THR A 151 -13.20 14.89 -2.26
CA THR A 151 -13.11 16.08 -3.14
C THR A 151 -11.80 16.83 -2.99
N ALA A 152 -11.48 17.64 -4.01
CA ALA A 152 -10.28 18.48 -4.02
C ALA A 152 -10.03 19.28 -2.71
N GLU A 153 -11.09 19.91 -2.17
CA GLU A 153 -11.01 20.70 -0.91
C GLU A 153 -10.58 19.91 0.34
N MET A 154 -11.10 18.67 0.48
CA MET A 154 -10.66 17.75 1.53
C MET A 154 -9.16 17.47 1.44
N TYR A 155 -8.63 17.43 0.22
CA TYR A 155 -7.19 17.25 0.00
C TYR A 155 -6.34 18.56 -0.04
N THR A 156 -6.60 19.48 0.87
CA THR A 156 -5.70 20.62 1.05
C THR A 156 -5.08 20.51 2.44
N LYS A 157 -4.02 21.29 2.71
CA LYS A 157 -3.18 21.09 3.91
C LYS A 157 -3.89 21.27 5.26
N THR A 158 -4.95 22.09 5.26
CA THR A 158 -5.74 22.38 6.47
C THR A 158 -7.11 21.64 6.50
N GLY A 159 -7.54 21.08 5.37
CA GLY A 159 -8.70 20.14 5.32
C GLY A 159 -8.41 18.74 5.85
N VAL A 160 -9.48 17.96 6.11
CA VAL A 160 -9.39 16.63 6.77
C VAL A 160 -8.29 15.65 6.29
N ASN A 161 -8.11 15.53 4.98
CA ASN A 161 -7.25 14.48 4.41
C ASN A 161 -5.77 14.93 4.36
N GLY A 162 -5.54 16.19 4.70
CA GLY A 162 -4.24 16.81 4.47
C GLY A 162 -3.99 16.98 2.98
N ASP A 163 -2.77 17.33 2.64
CA ASP A 163 -2.45 17.69 1.27
C ASP A 163 -2.11 16.47 0.45
N SER A 164 -2.62 16.44 -0.78
CA SER A 164 -2.40 15.36 -1.75
C SER A 164 -0.98 14.82 -1.84
N ARG A 165 0.01 15.70 -1.74
CA ARG A 165 1.40 15.28 -1.90
C ARG A 165 1.85 14.41 -0.75
N TYR A 166 1.16 14.52 0.38
CA TYR A 166 1.44 13.69 1.56
C TYR A 166 1.27 12.19 1.27
N PHE A 167 0.14 11.80 0.69
CA PHE A 167 0.01 10.39 0.33
C PHE A 167 0.84 10.02 -0.91
N LEU A 168 1.11 10.99 -1.79
CA LEU A 168 1.90 10.73 -3.00
C LEU A 168 3.28 10.23 -2.73
N TRP A 169 3.79 10.59 -1.57
CA TRP A 169 5.20 10.39 -1.23
C TRP A 169 5.74 8.95 -1.30
N PRO A 170 5.02 7.96 -0.71
CA PRO A 170 5.56 6.56 -0.78
C PRO A 170 5.53 5.98 -2.18
N LEU A 171 4.57 6.45 -2.95
CA LEU A 171 4.38 6.00 -4.32
C LEU A 171 5.38 6.74 -5.20
N GLN A 172 5.32 8.07 -5.15
CA GLN A 172 6.12 8.87 -6.05
C GLN A 172 7.61 8.79 -5.74
N HIS A 173 8.01 9.17 -4.53
CA HIS A 173 9.43 9.08 -4.09
C HIS A 173 9.91 7.72 -3.61
N GLY A 174 9.18 7.11 -2.67
CA GLY A 174 9.66 5.84 -2.09
C GLY A 174 9.65 4.66 -3.06
N THR A 175 8.78 4.72 -4.07
CA THR A 175 8.78 3.70 -5.12
C THR A 175 9.33 4.22 -6.50
N LEU A 176 8.58 5.09 -7.17
CA LEU A 176 8.93 5.43 -8.56
C LEU A 176 10.36 5.97 -8.65
N HIS A 177 10.61 7.11 -7.99
CA HIS A 177 11.97 7.70 -7.92
C HIS A 177 13.02 6.75 -7.38
N PHE A 178 12.66 5.89 -6.43
CA PHE A 178 13.65 4.98 -5.89
C PHE A 178 14.16 4.05 -6.97
N CYS A 179 13.31 3.72 -7.92
CA CYS A 179 13.69 2.76 -8.94
C CYS A 179 14.33 3.42 -10.17
N GLY A 180 14.50 4.72 -10.15
CA GLY A 180 15.06 5.38 -11.33
C GLY A 180 14.08 6.22 -12.16
N PHE A 181 12.79 5.93 -12.07
CA PHE A 181 11.80 6.67 -12.83
C PHE A 181 11.95 8.17 -12.66
N LYS A 182 11.53 8.90 -13.69
CA LYS A 182 11.28 10.31 -13.56
C LYS A 182 9.79 10.37 -13.61
N VAL A 183 9.22 11.19 -12.75
CA VAL A 183 7.87 11.06 -12.40
C VAL A 183 7.18 12.30 -12.94
N LEU A 184 6.17 12.12 -13.77
CA LEU A 184 5.39 13.25 -14.22
C LEU A 184 4.36 13.57 -13.13
N ALA A 185 3.65 14.67 -13.28
CA ALA A 185 2.79 15.15 -12.22
C ALA A 185 1.56 14.27 -12.16
N PRO A 186 1.16 13.87 -10.94
CA PRO A 186 0.05 12.93 -10.79
C PRO A 186 -1.03 13.46 -11.64
N GLN A 187 -1.88 12.60 -12.19
CA GLN A 187 -3.13 13.11 -12.66
C GLN A 187 -4.14 12.71 -11.62
N ILE A 188 -4.83 13.66 -10.99
CA ILE A 188 -5.81 13.30 -9.98
C ILE A 188 -7.21 13.65 -10.37
N SER A 189 -8.06 12.66 -10.57
CA SER A 189 -9.42 13.00 -10.90
C SER A 189 -10.21 12.91 -9.60
N PHE A 190 -10.46 14.07 -8.97
CA PHE A 190 -11.14 14.11 -7.66
C PHE A 190 -12.59 13.81 -7.80
N ALA A 191 -13.01 12.75 -7.11
CA ALA A 191 -14.43 12.48 -6.77
C ALA A 191 -15.40 12.26 -7.91
N PRO A 192 -15.05 11.40 -8.87
CA PRO A 192 -15.95 11.20 -10.00
C PRO A 192 -17.35 10.75 -9.62
N GLU A 193 -17.48 9.98 -8.54
CA GLU A 193 -18.76 9.36 -8.21
C GLU A 193 -19.88 10.38 -8.00
N ILE A 194 -19.55 11.50 -7.36
CA ILE A 194 -20.51 12.59 -7.20
C ILE A 194 -20.39 13.52 -8.39
N ALA A 195 -20.99 13.05 -9.48
CA ALA A 195 -20.81 13.49 -10.87
C ALA A 195 -20.58 15.00 -11.02
N SER A 196 -21.33 15.71 -11.89
CA SER A 196 -21.88 15.17 -13.14
C SER A 196 -20.62 14.77 -13.95
N GLU A 197 -20.66 13.84 -14.93
CA GLU A 197 -21.71 13.52 -15.92
C GLU A 197 -21.52 14.54 -17.03
N GLU A 198 -21.50 15.82 -16.63
CA GLU A 198 -20.87 16.85 -17.42
C GLU A 198 -19.41 16.96 -16.98
N GLU A 199 -19.18 17.20 -15.68
CA GLU A 199 -17.82 17.40 -15.13
C GLU A 199 -16.94 16.14 -15.18
N ARG A 200 -17.58 15.00 -15.48
CA ARG A 200 -16.89 13.73 -15.72
C ARG A 200 -16.22 13.78 -17.09
N LYS A 201 -17.05 13.81 -18.13
CA LYS A 201 -16.65 13.96 -19.53
C LYS A 201 -15.53 14.98 -19.73
N GLY A 202 -15.48 15.97 -18.86
CA GLY A 202 -14.43 17.00 -18.88
C GLY A 202 -13.13 16.60 -18.18
N MET A 203 -13.23 15.80 -17.10
CA MET A 203 -12.05 15.25 -16.39
C MET A 203 -11.34 14.26 -17.31
N VAL A 204 -12.15 13.46 -18.00
CA VAL A 204 -11.72 12.50 -18.99
C VAL A 204 -11.03 13.19 -20.18
N ALA A 205 -11.62 14.27 -20.67
CA ALA A 205 -11.09 14.94 -21.83
C ALA A 205 -9.85 15.74 -21.46
N ALA A 206 -9.74 16.20 -20.23
CA ALA A 206 -8.48 16.85 -19.80
C ALA A 206 -7.33 15.84 -19.73
N TRP A 207 -7.67 14.59 -19.42
CA TRP A 207 -6.74 13.45 -19.42
C TRP A 207 -6.27 13.19 -20.88
N SER A 208 -7.25 13.11 -21.79
CA SER A 208 -7.01 12.92 -23.25
C SER A 208 -6.11 14.05 -23.74
N GLN A 209 -6.59 15.28 -23.56
CA GLN A 209 -5.82 16.49 -23.79
C GLN A 209 -4.40 16.47 -23.24
N ARG A 210 -4.25 16.29 -21.94
CA ARG A 210 -2.91 16.26 -21.44
C ARG A 210 -2.03 15.20 -22.15
N LEU A 211 -2.61 14.08 -22.62
CA LEU A 211 -1.83 12.95 -23.21
C LEU A 211 -1.35 13.30 -24.64
N GLN A 212 -2.07 14.21 -25.28
CA GLN A 212 -1.58 14.90 -26.52
C GLN A 212 -0.16 15.48 -26.43
N THR A 213 0.25 15.99 -25.27
CA THR A 213 1.59 16.63 -25.12
C THR A 213 2.48 15.98 -24.07
N ILE A 214 2.08 14.79 -23.65
CA ILE A 214 2.72 14.07 -22.55
C ILE A 214 4.23 14.01 -22.69
N TRP A 215 4.69 13.90 -23.93
CA TRP A 215 6.11 13.68 -24.17
C TRP A 215 6.95 14.97 -24.06
N LYS A 216 6.26 16.11 -24.08
CA LYS A 216 6.89 17.42 -23.91
C LYS A 216 7.16 17.74 -22.45
N GLU A 217 6.37 17.16 -21.53
CA GLU A 217 6.45 17.48 -20.11
C GLU A 217 7.80 17.28 -19.45
N GLU A 218 8.09 18.11 -18.46
CA GLU A 218 9.27 17.91 -17.63
C GLU A 218 8.88 17.13 -16.37
N PRO A 219 9.78 16.23 -15.92
CA PRO A 219 9.62 15.50 -14.67
C PRO A 219 9.65 16.40 -13.43
N ILE A 220 8.77 16.14 -12.47
CA ILE A 220 8.82 16.77 -11.15
C ILE A 220 10.22 16.71 -10.51
N PRO A 221 10.63 17.79 -9.81
CA PRO A 221 11.90 17.83 -9.09
C PRO A 221 11.77 17.04 -7.79
N CYS A 222 12.01 15.73 -7.90
CA CYS A 222 11.58 14.74 -6.89
C CYS A 222 12.35 14.88 -5.57
N THR A 223 11.75 15.61 -4.64
CA THR A 223 12.38 15.91 -3.34
C THR A 223 11.36 15.90 -2.18
N ALA A 224 11.89 15.88 -0.95
CA ALA A 224 11.08 16.05 0.26
C ALA A 224 10.28 17.37 0.26
N HIS A 225 10.88 18.42 -0.28
CA HIS A 225 10.28 19.75 -0.34
C HIS A 225 9.07 19.86 -1.32
N TRP A 226 9.09 19.10 -2.43
CA TRP A 226 7.93 19.06 -3.36
C TRP A 226 6.66 18.51 -2.72
N HIS A 227 6.82 17.44 -1.94
CA HIS A 227 5.71 16.69 -1.33
C HIS A 227 5.14 17.33 -0.06
N PHE A 228 6.00 18.07 0.66
CA PHE A 228 5.63 18.68 1.95
C PHE A 228 5.93 20.19 2.04
N GLY A 229 7.13 20.57 1.55
CA GLY A 229 7.71 21.91 1.72
C GLY A 229 6.88 23.15 1.41
N GLN A 230 7.48 24.31 1.67
CA GLN A 230 6.86 25.62 1.44
C GLN A 230 7.13 26.17 0.02
N ALA B 1 -7.57 -3.98 34.16
CA ALA B 1 -8.75 -4.59 33.46
C ALA B 1 -8.31 -5.79 32.58
N GLY B 2 -9.26 -6.60 32.12
CA GLY B 2 -8.99 -7.58 31.06
C GLY B 2 -8.87 -6.93 29.66
N LYS B 3 -7.92 -7.35 28.85
CA LYS B 3 -7.78 -6.74 27.53
C LYS B 3 -7.71 -7.77 26.43
N LYS B 4 -8.28 -7.42 25.27
CA LYS B 4 -8.09 -8.23 24.06
C LYS B 4 -7.18 -7.55 23.05
N VAL B 5 -6.18 -8.30 22.62
CA VAL B 5 -5.27 -7.89 21.57
C VAL B 5 -5.36 -8.77 20.29
N LEU B 6 -5.34 -8.10 19.14
CA LEU B 6 -5.22 -8.75 17.83
C LEU B 6 -3.87 -8.37 17.26
N ILE B 7 -3.08 -9.36 16.88
CA ILE B 7 -1.90 -9.09 16.14
C ILE B 7 -2.15 -9.49 14.68
N VAL B 8 -2.14 -8.49 13.78
CA VAL B 8 -2.21 -8.74 12.36
C VAL B 8 -0.79 -8.82 11.83
N TYR B 9 -0.39 -10.03 11.42
CA TYR B 9 1.02 -10.23 11.18
C TYR B 9 1.28 -10.66 9.73
N ALA B 10 2.34 -10.10 9.11
CA ALA B 10 2.53 -10.27 7.64
C ALA B 10 3.94 -10.49 7.33
N HIS B 11 4.42 -11.67 7.65
CA HIS B 11 5.74 -12.13 7.20
C HIS B 11 5.61 -13.61 6.90
N GLN B 12 6.46 -14.11 5.99
CA GLN B 12 6.36 -15.44 5.39
C GLN B 12 7.15 -16.50 6.16
N GLU B 13 8.12 -16.04 6.94
CA GLU B 13 9.06 -16.95 7.52
C GLU B 13 8.95 -16.88 9.05
N PRO B 14 8.44 -17.97 9.66
CA PRO B 14 8.30 -17.95 11.13
C PRO B 14 9.60 -17.55 11.84
N LYS B 15 10.75 -17.86 11.24
CA LYS B 15 12.03 -17.62 11.90
C LYS B 15 12.62 -16.22 11.72
N SER B 16 11.87 -15.31 11.12
CA SER B 16 12.37 -14.00 10.77
C SER B 16 12.43 -13.14 11.99
N PHE B 17 13.05 -11.97 11.83
CA PHE B 17 12.98 -10.96 12.85
C PHE B 17 11.55 -10.57 13.09
N ASN B 18 10.74 -10.43 12.05
CA ASN B 18 9.28 -10.17 12.27
C ASN B 18 8.61 -11.29 13.07
N GLY B 19 8.91 -12.53 12.76
CA GLY B 19 8.41 -13.66 13.54
C GLY B 19 8.73 -13.51 15.03
N SER B 20 9.98 -13.14 15.32
CA SER B 20 10.43 -12.97 16.70
C SER B 20 9.76 -11.77 17.40
N LEU B 21 9.43 -10.70 16.69
CA LEU B 21 8.80 -9.57 17.34
C LEU B 21 7.34 -9.89 17.63
N LYS B 22 6.71 -10.65 16.74
CA LYS B 22 5.38 -11.17 16.94
C LYS B 22 5.31 -12.18 18.10
N ASN B 23 6.20 -13.16 18.14
CA ASN B 23 6.25 -14.12 19.25
C ASN B 23 6.47 -13.53 20.63
N VAL B 24 7.28 -12.47 20.74
CA VAL B 24 7.49 -11.87 22.04
C VAL B 24 6.35 -11.00 22.41
N ALA B 25 5.64 -10.46 21.43
CA ALA B 25 4.41 -9.77 21.75
C ALA B 25 3.42 -10.76 22.32
N VAL B 26 3.28 -11.92 21.68
CA VAL B 26 2.38 -12.97 22.17
C VAL B 26 2.81 -13.37 23.58
N ASP B 27 4.08 -13.70 23.79
CA ASP B 27 4.56 -14.13 25.14
C ASP B 27 4.33 -13.07 26.19
N GLU B 28 4.79 -11.84 25.98
CA GLU B 28 4.57 -10.77 26.93
C GLU B 28 3.09 -10.41 27.23
N LEU B 29 2.24 -10.28 26.24
CA LEU B 29 0.83 -9.96 26.52
C LEU B 29 0.09 -11.18 27.11
N SER B 30 0.51 -12.37 26.68
CA SER B 30 0.00 -13.57 27.27
C SER B 30 0.26 -13.62 28.81
N ARG B 31 1.53 -13.42 29.18
CA ARG B 31 2.01 -13.36 30.54
C ARG B 31 1.22 -12.35 31.37
N GLN B 32 0.93 -11.15 30.82
CA GLN B 32 0.13 -10.14 31.53
C GLN B 32 -1.31 -10.56 31.75
N GLY B 33 -1.72 -11.68 31.15
CA GLY B 33 -3.11 -12.13 31.30
C GLY B 33 -4.08 -11.53 30.29
N CYS B 34 -3.54 -10.92 29.23
CA CYS B 34 -4.33 -10.37 28.12
C CYS B 34 -4.80 -11.50 27.22
N THR B 35 -5.96 -11.33 26.58
CA THR B 35 -6.40 -12.22 25.53
C THR B 35 -5.72 -11.81 24.21
N VAL B 36 -5.01 -12.75 23.57
CA VAL B 36 -4.21 -12.50 22.37
C VAL B 36 -4.69 -13.39 21.17
N THR B 37 -4.87 -12.77 19.99
CA THR B 37 -5.23 -13.45 18.74
C THR B 37 -4.21 -13.02 17.67
N VAL B 38 -3.74 -13.96 16.84
CA VAL B 38 -2.86 -13.60 15.76
C VAL B 38 -3.52 -13.97 14.41
N SER B 39 -3.68 -12.95 13.55
CA SER B 39 -3.97 -13.25 12.13
C SER B 39 -2.65 -13.29 11.36
N ASP B 40 -2.14 -14.49 11.11
CA ASP B 40 -0.90 -14.75 10.34
C ASP B 40 -1.28 -14.76 8.84
N LEU B 41 -1.27 -13.59 8.24
CA LEU B 41 -1.88 -13.48 6.95
C LEU B 41 -1.35 -14.52 5.89
N TYR B 42 -0.04 -14.69 5.79
CA TYR B 42 0.51 -15.58 4.80
C TYR B 42 0.12 -17.04 5.07
N ALA B 43 0.15 -17.48 6.35
CA ALA B 43 -0.22 -18.87 6.65
C ALA B 43 -1.70 -19.04 6.38
N MET B 44 -2.49 -18.00 6.50
CA MET B 44 -3.92 -18.10 6.16
C MET B 44 -4.16 -18.11 4.62
N ASN B 45 -3.09 -17.91 3.83
CA ASN B 45 -3.19 -17.55 2.41
C ASN B 45 -4.24 -16.46 2.22
N PHE B 46 -4.19 -15.44 3.08
CA PHE B 46 -5.18 -14.39 3.03
C PHE B 46 -5.34 -13.70 1.64
N GLU B 47 -6.58 -13.48 1.23
CA GLU B 47 -6.91 -12.96 -0.08
C GLU B 47 -6.85 -11.40 -0.11
N PRO B 48 -5.87 -10.84 -0.83
CA PRO B 48 -5.78 -9.37 -0.72
C PRO B 48 -6.64 -8.65 -1.73
N ARG B 49 -7.11 -9.34 -2.76
CA ARG B 49 -7.84 -8.68 -3.88
C ARG B 49 -9.27 -8.35 -3.51
N ALA B 50 -9.64 -7.10 -3.70
CA ALA B 50 -11.01 -6.66 -3.56
C ALA B 50 -11.78 -7.03 -4.84
N THR B 51 -12.52 -8.12 -4.79
CA THR B 51 -13.30 -8.54 -5.97
C THR B 51 -14.77 -8.74 -5.66
N ASP B 52 -15.51 -9.10 -6.70
CA ASP B 52 -16.92 -9.32 -6.54
C ASP B 52 -17.21 -10.64 -5.82
N LYS B 53 -16.23 -11.53 -5.72
CA LYS B 53 -16.33 -12.65 -4.81
C LYS B 53 -16.57 -12.27 -3.30
N ASP B 54 -16.31 -11.02 -2.91
CA ASP B 54 -16.45 -10.58 -1.50
C ASP B 54 -17.92 -10.36 -1.10
N ILE B 55 -18.81 -10.39 -2.09
CA ILE B 55 -20.26 -10.22 -1.85
C ILE B 55 -20.97 -11.48 -2.31
N THR B 56 -21.74 -12.10 -1.40
CA THR B 56 -22.46 -13.34 -1.74
C THR B 56 -23.93 -13.06 -2.07
N GLY B 57 -24.44 -11.90 -1.68
CA GLY B 57 -25.82 -11.54 -2.03
C GLY B 57 -26.09 -11.07 -3.46
N THR B 58 -27.35 -10.74 -3.73
CA THR B 58 -27.73 -10.07 -4.97
C THR B 58 -27.04 -8.70 -4.96
N LEU B 59 -26.31 -8.39 -6.04
CA LEU B 59 -25.66 -7.08 -6.19
C LEU B 59 -26.65 -5.90 -6.30
N SER B 60 -26.30 -4.81 -5.64
CA SER B 60 -27.06 -3.56 -5.64
C SER B 60 -27.11 -2.91 -7.04
N ASN B 61 -26.00 -2.95 -7.76
CA ASN B 61 -25.96 -2.50 -9.15
C ASN B 61 -25.18 -3.56 -9.93
N PRO B 62 -25.89 -4.61 -10.40
CA PRO B 62 -25.23 -5.76 -11.02
C PRO B 62 -24.66 -5.47 -12.42
N GLU B 63 -25.08 -4.34 -13.01
CA GLU B 63 -24.64 -3.92 -14.34
C GLU B 63 -23.28 -3.15 -14.30
N VAL B 64 -23.09 -2.39 -13.22
CA VAL B 64 -21.88 -1.62 -13.00
C VAL B 64 -21.39 -1.86 -11.57
N PHE B 65 -20.42 -2.78 -11.43
CA PHE B 65 -19.86 -3.14 -10.14
C PHE B 65 -18.93 -2.08 -9.56
N ASN B 66 -19.35 -1.49 -8.45
CA ASN B 66 -18.50 -0.64 -7.62
C ASN B 66 -18.22 -1.34 -6.25
N TYR B 67 -16.95 -1.57 -5.95
CA TYR B 67 -16.56 -2.32 -4.78
C TYR B 67 -16.98 -1.69 -3.42
N GLY B 68 -16.79 -0.37 -3.26
CA GLY B 68 -17.18 0.37 -2.05
C GLY B 68 -18.70 0.37 -1.79
N VAL B 69 -19.49 0.62 -2.83
CA VAL B 69 -20.96 0.52 -2.72
C VAL B 69 -21.39 -0.90 -2.32
N GLU B 70 -20.98 -1.90 -3.10
CA GLU B 70 -21.36 -3.30 -2.86
C GLU B 70 -20.89 -3.87 -1.50
N THR B 71 -19.69 -3.54 -1.04
CA THR B 71 -19.29 -4.06 0.28
C THR B 71 -20.01 -3.37 1.44
N HIS B 72 -20.34 -2.09 1.29
CA HIS B 72 -21.15 -1.39 2.27
C HIS B 72 -22.56 -2.01 2.42
N GLU B 73 -23.18 -2.30 1.27
CA GLU B 73 -24.48 -2.94 1.27
C GLU B 73 -24.37 -4.37 1.77
N ALA B 74 -23.35 -5.09 1.31
CA ALA B 74 -23.13 -6.47 1.77
C ALA B 74 -22.93 -6.57 3.27
N TYR B 75 -22.30 -5.55 3.86
CA TYR B 75 -22.07 -5.47 5.30
C TYR B 75 -23.38 -5.29 6.06
N LYS B 76 -24.23 -4.35 5.62
CA LYS B 76 -25.54 -4.15 6.29
C LYS B 76 -26.39 -5.40 6.13
N GLN B 77 -26.24 -6.07 5.01
CA GLN B 77 -26.98 -7.28 4.74
C GLN B 77 -26.43 -8.59 5.32
N ARG B 78 -25.18 -8.59 5.80
CA ARG B 78 -24.51 -9.79 6.25
C ARG B 78 -24.29 -10.77 5.10
N SER B 79 -23.87 -10.23 3.97
CA SER B 79 -23.57 -11.04 2.81
C SER B 79 -22.11 -11.00 2.35
N LEU B 80 -21.25 -10.31 3.11
CA LEU B 80 -19.78 -10.43 2.90
C LEU B 80 -19.28 -11.86 3.06
N ALA B 81 -18.14 -12.14 2.40
CA ALA B 81 -17.45 -13.41 2.48
C ALA B 81 -16.96 -13.64 3.90
N SER B 82 -16.96 -14.91 4.28
CA SER B 82 -16.67 -15.34 5.61
C SER B 82 -15.25 -14.97 6.12
N ASP B 83 -14.26 -14.95 5.24
CA ASP B 83 -12.91 -14.57 5.68
C ASP B 83 -12.88 -13.10 6.16
N ILE B 84 -13.73 -12.26 5.56
CA ILE B 84 -13.78 -10.85 5.92
C ILE B 84 -14.51 -10.68 7.24
N THR B 85 -15.63 -11.37 7.38
CA THR B 85 -16.39 -11.27 8.62
C THR B 85 -15.57 -11.87 9.78
N ASP B 86 -14.85 -12.97 9.54
CA ASP B 86 -13.96 -13.50 10.61
C ASP B 86 -12.94 -12.44 11.11
N GLU B 87 -12.40 -11.61 10.22
CA GLU B 87 -11.47 -10.59 10.65
C GLU B 87 -12.14 -9.45 11.40
N GLN B 88 -13.30 -9.05 10.91
CA GLN B 88 -14.06 -8.01 11.56
C GLN B 88 -14.47 -8.35 13.03
N LYS B 89 -14.73 -9.63 13.26
CA LYS B 89 -15.08 -10.11 14.55
C LYS B 89 -13.85 -10.01 15.46
N LYS B 90 -12.67 -10.39 14.98
CA LYS B 90 -11.41 -10.17 15.75
C LYS B 90 -11.16 -8.70 16.06
N VAL B 91 -11.38 -7.81 15.09
CA VAL B 91 -11.15 -6.38 15.29
C VAL B 91 -12.19 -5.72 16.23
N ARG B 92 -13.44 -6.10 16.03
CA ARG B 92 -14.54 -5.62 16.83
C ARG B 92 -14.29 -5.89 18.31
N GLU B 93 -13.78 -7.08 18.60
CA GLU B 93 -13.60 -7.49 19.99
C GLU B 93 -12.30 -6.95 20.56
N ALA B 94 -11.36 -6.57 19.70
CA ALA B 94 -10.02 -6.22 20.22
C ALA B 94 -10.04 -4.81 20.85
N ASP B 95 -9.20 -4.62 21.86
CA ASP B 95 -9.03 -3.31 22.48
C ASP B 95 -7.80 -2.68 21.88
N LEU B 96 -6.84 -3.51 21.48
CA LEU B 96 -5.63 -3.09 20.82
C LEU B 96 -5.42 -3.94 19.55
N VAL B 97 -5.04 -3.29 18.44
CA VAL B 97 -4.60 -4.00 17.25
C VAL B 97 -3.18 -3.65 16.94
N ILE B 98 -2.34 -4.67 16.86
CA ILE B 98 -0.96 -4.43 16.52
C ILE B 98 -0.75 -4.99 15.11
N PHE B 99 -0.19 -4.18 14.21
CA PHE B 99 0.25 -4.63 12.91
C PHE B 99 1.71 -4.85 12.96
N GLN B 100 2.13 -6.03 12.54
CA GLN B 100 3.51 -6.42 12.56
C GLN B 100 3.95 -6.79 11.14
N PHE B 101 4.93 -6.04 10.61
CA PHE B 101 5.28 -6.17 9.23
C PHE B 101 6.58 -5.48 8.87
N PRO B 102 7.27 -6.01 7.85
CA PRO B 102 8.41 -5.39 7.11
C PRO B 102 7.92 -4.28 6.18
N LEU B 103 8.56 -3.13 6.18
CA LEU B 103 8.20 -2.07 5.28
C LEU B 103 8.40 -2.57 3.84
N TYR B 104 7.36 -2.50 2.99
CA TYR B 104 7.55 -2.82 1.54
C TYR B 104 7.16 -1.56 0.75
N TRP B 105 8.13 -0.96 0.07
CA TRP B 105 7.90 0.25 -0.69
C TRP B 105 7.24 1.31 0.16
N PHE B 106 7.84 1.58 1.32
CA PHE B 106 7.30 2.60 2.20
C PHE B 106 5.89 2.41 2.73
N SER B 107 5.46 1.14 2.80
CA SER B 107 4.10 0.81 3.21
C SER B 107 4.02 -0.63 3.68
N VAL B 108 2.80 -1.14 3.71
CA VAL B 108 2.61 -2.52 4.12
C VAL B 108 2.83 -3.46 2.97
N PRO B 109 3.28 -4.68 3.24
CA PRO B 109 3.16 -5.66 2.14
C PRO B 109 1.75 -5.73 1.58
N ALA B 110 1.63 -6.14 0.30
CA ALA B 110 0.30 -6.19 -0.33
C ALA B 110 -0.66 -7.06 0.39
N ILE B 111 -0.19 -8.12 1.05
CA ILE B 111 -1.18 -9.01 1.74
C ILE B 111 -1.86 -8.29 2.89
N LEU B 112 -1.10 -7.40 3.53
CA LEU B 112 -1.64 -6.60 4.60
C LEU B 112 -2.43 -5.46 4.00
N LYS B 113 -2.00 -4.90 2.86
CA LYS B 113 -2.83 -3.83 2.28
C LYS B 113 -4.21 -4.42 1.94
N GLY B 114 -4.25 -5.67 1.53
CA GLY B 114 -5.54 -6.28 1.20
C GLY B 114 -6.43 -6.53 2.40
N TRP B 115 -5.82 -6.74 3.55
CA TRP B 115 -6.54 -6.88 4.79
C TRP B 115 -7.14 -5.51 5.03
N MET B 116 -6.36 -4.42 4.92
CA MET B 116 -6.96 -3.10 5.11
CA MET B 116 -6.96 -3.08 5.10
C MET B 116 -8.12 -2.87 4.14
N ASP B 117 -7.92 -3.18 2.84
CA ASP B 117 -8.93 -2.86 1.79
C ASP B 117 -10.27 -3.58 2.01
N ARG B 118 -10.20 -4.84 2.41
CA ARG B 118 -11.34 -5.72 2.43
C ARG B 118 -11.97 -5.79 3.84
N VAL B 119 -11.17 -5.77 4.89
CA VAL B 119 -11.71 -5.82 6.27
C VAL B 119 -12.29 -4.48 6.77
N LEU B 120 -11.60 -3.37 6.47
CA LEU B 120 -12.03 -2.08 6.96
C LEU B 120 -13.08 -1.43 6.06
N CYS B 121 -14.22 -2.09 5.87
CA CYS B 121 -15.19 -1.61 4.88
C CYS B 121 -16.12 -0.58 5.48
N GLN B 122 -16.87 0.06 4.60
CA GLN B 122 -17.77 1.08 5.00
C GLN B 122 -18.89 0.42 5.77
N GLY B 123 -19.28 1.03 6.87
CA GLY B 123 -20.36 0.45 7.66
C GLY B 123 -19.85 -0.29 8.86
N PHE B 124 -18.67 -0.89 8.75
CA PHE B 124 -17.96 -1.55 9.86
C PHE B 124 -16.93 -0.60 10.51
N ALA B 125 -15.99 -0.10 9.69
CA ALA B 125 -14.85 0.63 10.21
C ALA B 125 -15.06 2.17 10.21
N PHE B 126 -15.94 2.63 9.34
CA PHE B 126 -16.25 4.04 9.10
C PHE B 126 -17.59 4.16 8.38
N ASP B 127 -18.08 5.38 8.33
CA ASP B 127 -19.34 5.72 7.71
C ASP B 127 -19.14 7.06 7.03
N ILE B 128 -19.90 7.31 5.96
CA ILE B 128 -19.96 8.65 5.38
C ILE B 128 -21.30 9.26 5.76
N PRO B 129 -21.33 10.10 6.85
CA PRO B 129 -20.23 10.61 7.69
C PRO B 129 -20.03 9.76 8.94
N GLY B 130 -18.93 9.99 9.67
CA GLY B 130 -18.47 9.06 10.72
C GLY B 130 -17.08 8.54 10.42
N PHE B 131 -16.12 9.47 10.42
CA PHE B 131 -14.74 9.17 10.09
C PHE B 131 -13.83 10.09 10.87
N TYR B 132 -12.52 9.86 10.79
CA TYR B 132 -11.54 10.42 11.73
C TYR B 132 -12.10 10.33 13.17
N ASP B 133 -12.10 11.44 13.91
CA ASP B 133 -12.51 11.42 15.31
C ASP B 133 -13.91 10.82 15.55
N SER B 134 -14.73 10.71 14.50
CA SER B 134 -16.01 10.01 14.59
C SER B 134 -16.04 8.62 13.90
N GLY B 135 -14.88 8.07 13.55
CA GLY B 135 -14.82 6.77 12.86
C GLY B 135 -15.44 5.73 13.76
N LEU B 136 -16.00 4.67 13.18
CA LEU B 136 -16.76 3.67 13.92
C LEU B 136 -15.94 2.85 14.92
N LEU B 137 -14.64 2.74 14.72
CA LEU B 137 -13.82 1.93 15.63
C LEU B 137 -13.27 2.78 16.79
N GLN B 138 -13.99 3.87 17.11
CA GLN B 138 -13.61 4.74 18.23
C GLN B 138 -13.56 3.92 19.52
N GLY B 139 -12.54 4.18 20.32
CA GLY B 139 -12.32 3.39 21.54
C GLY B 139 -11.06 2.53 21.45
N LYS B 140 -10.70 2.11 20.24
CA LYS B 140 -9.69 1.08 20.09
C LYS B 140 -8.35 1.71 19.84
N LEU B 141 -7.32 1.06 20.35
CA LEU B 141 -5.97 1.46 20.07
C LEU B 141 -5.41 0.63 18.88
N ALA B 142 -4.37 1.17 18.24
CA ALA B 142 -3.67 0.52 17.12
C ALA B 142 -2.30 1.01 17.18
N LEU B 143 -1.40 0.12 16.78
CA LEU B 143 0.02 0.33 16.84
C LEU B 143 0.69 -0.30 15.63
N LEU B 144 1.59 0.41 14.94
CA LEU B 144 2.38 -0.22 13.90
C LEU B 144 3.74 -0.68 14.39
N SER B 145 4.02 -1.97 14.20
CA SER B 145 5.35 -2.45 14.47
C SER B 145 6.04 -2.86 13.15
N VAL B 146 6.95 -2.00 12.68
CA VAL B 146 7.51 -1.96 11.34
C VAL B 146 9.02 -2.27 11.40
N THR B 147 9.49 -3.25 10.61
CA THR B 147 10.92 -3.46 10.37
C THR B 147 11.36 -2.90 8.98
N THR B 148 12.59 -2.41 8.89
CA THR B 148 13.14 -1.85 7.64
C THR B 148 14.46 -2.50 7.12
N GLY B 149 14.73 -2.29 5.83
CA GLY B 149 16.07 -2.53 5.24
C GLY B 149 17.00 -1.35 5.54
N GLY B 150 16.49 -0.13 5.47
CA GLY B 150 17.28 1.07 5.70
C GLY B 150 17.49 1.45 7.16
N THR B 151 18.66 2.00 7.45
CA THR B 151 19.00 2.49 8.81
C THR B 151 18.05 3.66 9.18
N ALA B 152 17.85 4.06 10.45
CA ALA B 152 18.83 4.25 11.52
C ALA B 152 19.78 5.40 11.07
N GLU B 153 19.17 6.43 10.44
CA GLU B 153 19.81 7.66 9.86
C GLU B 153 19.44 7.99 8.39
N MET B 154 19.43 6.99 7.50
CA MET B 154 18.78 7.16 6.19
C MET B 154 17.36 7.64 6.40
N TYR B 155 16.66 7.10 7.40
CA TYR B 155 15.31 7.59 7.72
C TYR B 155 15.26 8.83 8.60
N THR B 156 16.02 9.86 8.26
CA THR B 156 15.82 11.19 8.87
C THR B 156 15.53 12.21 7.77
N LYS B 157 15.27 13.45 8.17
CA LYS B 157 15.31 14.58 7.24
C LYS B 157 16.73 14.73 6.65
N THR B 158 16.89 14.34 5.38
CA THR B 158 18.15 14.46 4.57
C THR B 158 19.36 13.53 4.86
N GLY B 159 19.17 12.25 5.18
CA GLY B 159 17.91 11.57 5.00
C GLY B 159 17.77 11.17 3.55
N VAL B 160 18.42 10.07 3.19
CA VAL B 160 18.20 9.42 1.89
C VAL B 160 16.70 9.16 1.71
N ASN B 161 16.12 8.41 2.65
CA ASN B 161 14.71 8.01 2.61
C ASN B 161 13.69 9.04 3.16
N GLY B 162 14.19 10.14 3.70
CA GLY B 162 13.34 11.11 4.39
C GLY B 162 12.97 10.61 5.78
N ASP B 163 12.27 11.46 6.53
CA ASP B 163 11.86 11.10 7.89
C ASP B 163 10.92 9.88 7.89
N SER B 164 11.17 8.96 8.83
CA SER B 164 10.36 7.75 9.05
C SER B 164 8.86 8.04 9.10
N ARG B 165 8.50 9.17 9.71
CA ARG B 165 7.12 9.52 9.91
C ARG B 165 6.39 9.85 8.60
N TYR B 166 7.13 10.32 7.59
CA TYR B 166 6.54 10.61 6.29
C TYR B 166 5.71 9.44 5.78
N PHE B 167 6.33 8.26 5.72
CA PHE B 167 5.64 7.06 5.27
C PHE B 167 4.54 6.51 6.21
N LEU B 168 4.54 6.92 7.48
CA LEU B 168 3.49 6.47 8.40
C LEU B 168 2.17 7.16 8.14
N TRP B 169 2.23 8.30 7.47
CA TRP B 169 1.00 9.08 7.25
C TRP B 169 -0.21 8.36 6.65
N PRO B 170 -0.08 7.76 5.43
CA PRO B 170 -1.21 6.98 4.84
C PRO B 170 -1.76 5.91 5.81
N LEU B 171 -0.87 5.22 6.50
CA LEU B 171 -1.27 4.15 7.48
C LEU B 171 -1.91 4.74 8.77
N GLN B 172 -1.13 5.52 9.49
CA GLN B 172 -1.59 6.13 10.74
C GLN B 172 -2.78 7.03 10.56
N HIS B 173 -2.66 8.02 9.67
CA HIS B 173 -3.72 9.05 9.59
C HIS B 173 -4.79 8.64 8.59
N GLY B 174 -4.38 8.28 7.38
CA GLY B 174 -5.38 8.04 6.33
C GLY B 174 -6.20 6.77 6.54
N THR B 175 -5.62 5.79 7.24
CA THR B 175 -6.31 4.54 7.53
C THR B 175 -6.76 4.43 9.02
N LEU B 176 -5.83 4.32 9.97
CA LEU B 176 -6.17 4.07 11.36
C LEU B 176 -7.02 5.18 12.00
N HIS B 177 -6.50 6.41 12.07
CA HIS B 177 -7.26 7.52 12.62
C HIS B 177 -8.62 7.69 11.92
N PHE B 178 -8.62 7.49 10.61
CA PHE B 178 -9.82 7.63 9.82
C PHE B 178 -10.90 6.68 10.30
N CYS B 179 -10.50 5.50 10.78
CA CYS B 179 -11.48 4.51 11.27
C CYS B 179 -11.85 4.77 12.75
N GLY B 180 -11.24 5.80 13.32
CA GLY B 180 -11.50 6.14 14.70
C GLY B 180 -10.49 5.66 15.73
N PHE B 181 -9.52 4.84 15.34
CA PHE B 181 -8.57 4.31 16.31
C PHE B 181 -7.83 5.49 16.90
N LYS B 182 -7.27 5.29 18.08
CA LYS B 182 -6.22 6.14 18.56
C LYS B 182 -4.96 5.38 18.29
N VAL B 183 -3.99 6.07 17.73
CA VAL B 183 -2.80 5.42 17.33
C VAL B 183 -1.70 5.67 18.34
N LEU B 184 -1.07 4.60 18.78
CA LEU B 184 0.12 4.65 19.58
C LEU B 184 1.36 4.81 18.70
N ALA B 185 2.47 5.13 19.33
CA ALA B 185 3.68 5.46 18.65
C ALA B 185 4.35 4.21 18.04
N PRO B 186 4.70 4.32 16.75
CA PRO B 186 5.22 3.20 16.03
C PRO B 186 6.40 2.62 16.74
N GLN B 187 6.53 1.31 16.59
CA GLN B 187 7.72 0.63 16.97
C GLN B 187 8.44 0.39 15.65
N ILE B 188 9.54 1.09 15.44
CA ILE B 188 10.34 0.88 14.27
C ILE B 188 11.65 0.25 14.69
N SER B 189 11.91 -0.93 14.13
CA SER B 189 13.10 -1.68 14.38
C SER B 189 13.98 -1.58 13.12
N PHE B 190 14.92 -0.63 13.12
CA PHE B 190 15.71 -0.29 11.93
C PHE B 190 16.69 -1.39 11.58
N ALA B 191 16.68 -1.76 10.31
CA ALA B 191 17.80 -2.49 9.66
C ALA B 191 18.27 -3.78 10.30
N PRO B 192 17.36 -4.62 10.77
CA PRO B 192 17.80 -5.86 11.40
C PRO B 192 18.82 -6.68 10.61
N GLU B 193 18.74 -6.71 9.30
CA GLU B 193 19.68 -7.55 8.53
C GLU B 193 21.13 -7.03 8.64
N ILE B 194 21.32 -5.71 8.77
CA ILE B 194 22.67 -5.11 8.92
C ILE B 194 23.19 -5.32 10.35
N ALA B 195 22.42 -4.83 11.30
CA ALA B 195 22.57 -5.11 12.73
C ALA B 195 23.23 -6.45 13.13
N SER B 196 24.06 -6.35 14.17
CA SER B 196 24.76 -7.47 14.81
C SER B 196 23.88 -8.06 15.90
N GLU B 197 24.24 -9.26 16.37
CA GLU B 197 23.43 -10.01 17.33
C GLU B 197 22.99 -9.26 18.58
N GLU B 198 23.87 -8.42 19.14
CA GLU B 198 23.57 -7.60 20.33
C GLU B 198 22.51 -6.54 20.03
N GLU B 199 22.50 -6.06 18.79
CA GLU B 199 21.55 -5.02 18.43
C GLU B 199 20.19 -5.64 18.09
N ARG B 200 20.20 -6.80 17.43
CA ARG B 200 18.96 -7.55 17.17
C ARG B 200 18.35 -7.95 18.49
N LYS B 201 19.07 -8.79 19.24
CA LYS B 201 18.61 -9.23 20.55
C LYS B 201 18.00 -8.11 21.37
N GLY B 202 18.63 -6.94 21.35
CA GLY B 202 18.18 -5.79 22.15
C GLY B 202 17.03 -5.01 21.53
N MET B 203 16.81 -5.19 20.22
CA MET B 203 15.70 -4.52 19.58
C MET B 203 14.48 -5.32 19.97
N VAL B 204 14.65 -6.64 20.00
CA VAL B 204 13.62 -7.58 20.45
C VAL B 204 13.22 -7.41 21.92
N ALA B 205 14.18 -7.04 22.77
CA ALA B 205 13.91 -6.85 24.18
C ALA B 205 13.32 -5.45 24.45
N ALA B 206 13.76 -4.43 23.71
CA ALA B 206 13.12 -3.10 23.73
C ALA B 206 11.62 -3.11 23.40
N TRP B 207 11.21 -4.02 22.52
CA TRP B 207 9.76 -4.23 22.19
C TRP B 207 9.01 -4.92 23.34
N SER B 208 9.57 -6.03 23.81
CA SER B 208 9.12 -6.76 25.02
C SER B 208 8.93 -5.80 26.20
N GLN B 209 9.98 -5.05 26.50
CA GLN B 209 9.98 -4.05 27.56
C GLN B 209 8.89 -3.00 27.36
N ARG B 210 8.73 -2.48 26.14
CA ARG B 210 7.68 -1.50 25.87
C ARG B 210 6.26 -2.05 26.06
N LEU B 211 6.04 -3.31 25.71
CA LEU B 211 4.71 -3.90 25.85
C LEU B 211 4.29 -4.06 27.32
N GLN B 212 5.28 -4.17 28.22
CA GLN B 212 5.03 -4.24 29.67
C GLN B 212 4.21 -3.08 30.10
N THR B 213 4.41 -1.93 29.45
CA THR B 213 3.77 -0.72 29.93
C THR B 213 2.75 -0.11 28.93
N ILE B 214 2.33 -0.93 27.95
CA ILE B 214 1.52 -0.48 26.81
C ILE B 214 0.17 0.20 27.10
N TRP B 215 -0.51 -0.26 28.17
CA TRP B 215 -1.83 0.29 28.55
C TRP B 215 -1.69 1.59 29.35
N LYS B 216 -0.44 1.89 29.73
CA LYS B 216 -0.06 3.18 30.34
C LYS B 216 0.18 4.29 29.30
N GLU B 217 0.45 3.89 28.05
CA GLU B 217 0.73 4.85 26.95
C GLU B 217 -0.44 5.74 26.56
N GLU B 218 -0.10 6.94 26.11
CA GLU B 218 -1.04 7.85 25.47
C GLU B 218 -0.85 7.79 23.96
N PRO B 219 -1.93 7.98 23.19
CA PRO B 219 -1.78 8.02 21.76
C PRO B 219 -1.04 9.28 21.24
N ILE B 220 -0.52 9.19 20.00
CA ILE B 220 0.07 10.33 19.33
C ILE B 220 -1.00 11.32 18.87
N PRO B 221 -0.67 12.63 18.94
CA PRO B 221 -1.50 13.59 18.18
C PRO B 221 -1.29 13.23 16.71
N CYS B 222 -2.31 12.68 16.07
CA CYS B 222 -2.14 12.17 14.70
C CYS B 222 -2.46 13.34 13.75
N THR B 223 -1.43 14.12 13.44
CA THR B 223 -1.65 15.35 12.68
C THR B 223 -0.60 15.44 11.60
N ALA B 224 -0.90 16.24 10.59
CA ALA B 224 0.15 16.79 9.69
C ALA B 224 1.43 17.21 10.44
N HIS B 225 1.26 17.99 11.51
CA HIS B 225 2.42 18.42 12.34
C HIS B 225 3.29 17.30 12.94
N TRP B 226 2.66 16.30 13.55
CA TRP B 226 3.41 15.15 14.08
C TRP B 226 4.15 14.43 12.94
N HIS B 227 3.47 14.30 11.81
CA HIS B 227 4.00 13.52 10.71
C HIS B 227 5.09 14.25 9.92
N PHE B 228 4.90 15.55 9.75
CA PHE B 228 5.75 16.35 8.86
C PHE B 228 6.51 17.51 9.53
N GLY B 229 5.85 18.21 10.47
CA GLY B 229 6.47 19.24 11.30
C GLY B 229 6.48 20.65 10.73
N GLN B 230 7.26 21.52 11.40
CA GLN B 230 7.82 22.78 10.82
C GLN B 230 6.84 23.96 10.47
ZN ZN C . 11.81 11.39 -4.85
PA FAD D . -17.03 4.77 -10.73
O1A FAD D . -18.22 4.72 -9.80
O2A FAD D . -16.83 3.44 -11.42
O5B FAD D . -17.28 5.98 -11.77
C5B FAD D . -17.98 7.16 -11.41
C4B FAD D . -19.16 7.38 -12.37
O4B FAD D . -18.72 7.72 -13.67
C3B FAD D . -20.02 6.13 -12.55
O3B FAD D . -21.37 6.53 -12.59
C2B FAD D . -19.58 5.59 -13.90
O2B FAD D . -20.55 4.76 -14.53
C1B FAD D . -19.35 6.89 -14.63
N9A FAD D . -18.51 6.79 -15.82
C8A FAD D . -17.62 5.80 -16.15
N7A FAD D . -17.04 6.14 -17.31
C5A FAD D . -17.54 7.34 -17.73
C6A FAD D . -17.29 8.14 -18.86
N6A FAD D . -16.77 7.59 -19.95
N1A FAD D . -17.97 9.35 -18.98
C2A FAD D . -18.90 9.74 -18.02
N3A FAD D . -19.14 8.93 -16.91
C4A FAD D . -18.46 7.75 -16.77
N1 FAD D . -11.25 7.68 -1.44
C2 FAD D . -10.37 8.62 -0.99
O2 FAD D . -10.45 9.82 -1.29
N3 FAD D . -9.37 8.23 -0.14
C4 FAD D . -9.15 6.96 0.23
O4 FAD D . -8.17 6.70 0.96
C4X FAD D . -10.02 5.99 -0.24
N5 FAD D . -9.88 4.68 0.21
C5X FAD D . -10.73 3.71 -0.26
C6 FAD D . -10.57 2.34 0.11
C7 FAD D . -11.43 1.39 -0.40
C7M FAD D . -11.27 -0.05 -0.01
C8 FAD D . -12.44 1.79 -1.27
C8M FAD D . -13.45 0.85 -1.88
C9 FAD D . -12.58 3.12 -1.61
C9A FAD D . -11.73 4.07 -1.13
N10 FAD D . -11.89 5.39 -1.55
C10 FAD D . -11.03 6.36 -1.10
C1' FAD D . -13.01 5.75 -2.52
C2' FAD D . -12.51 5.45 -3.96
O2' FAD D . -11.22 5.97 -4.26
C3' FAD D . -13.47 5.95 -4.99
O3' FAD D . -14.63 5.17 -4.75
C4' FAD D . -13.00 5.71 -6.44
O4' FAD D . -11.79 6.42 -6.68
C5' FAD D . -14.07 6.15 -7.44
O5' FAD D . -13.62 5.84 -8.77
P FAD D . -14.27 4.73 -9.76
O1P FAD D . -14.24 3.35 -9.12
O2P FAD D . -13.49 4.71 -11.07
O3P FAD D . -15.76 5.34 -9.91
ZN ZN E . -4.24 11.41 12.00
C1 A2Z F . -11.25 5.81 2.87
N1 A2Z F . -12.68 9.14 1.58
O1 A2Z F . -14.23 4.62 1.07
C2 A2Z F . -11.39 7.18 2.61
O2 A2Z F . -14.58 6.86 0.58
C3 A2Z F . -12.54 7.73 1.82
O3 A2Z F . -11.81 11.25 1.89
C4 A2Z F . -13.45 6.71 1.33
C5 A2Z F . -13.22 5.31 1.65
C6 A2Z F . -12.17 4.85 2.41
C8 A2Z F . -11.69 10.01 2.10
C9 A2Z F . -10.61 9.54 2.87
C10 A2Z F . -10.41 8.18 3.14
C12 A2Z F . -15.13 5.52 0.36
C15 A2Z F . -9.22 7.73 3.95
C16 A2Z F . -13.77 9.71 0.80
C1 A2Z G . 12.89 -0.24 -1.26
N1 A2Z G . 15.58 0.39 1.40
O1 A2Z G . 14.40 -3.63 -0.89
C2 A2Z G . 13.71 0.42 -0.30
O2 A2Z G . 15.77 -2.60 0.67
C3 A2Z G . 14.76 -0.28 0.47
O3 A2Z G . 16.08 2.42 2.43
C4 A2Z G . 14.89 -1.68 0.16
C5 A2Z G . 14.03 -2.31 -0.82
C6 A2Z G . 13.06 -1.61 -1.53
C8 A2Z G . 15.38 1.78 1.61
C9 A2Z G . 14.39 2.48 0.92
C10 A2Z G . 13.54 1.84 0.00
C12 A2Z G . 15.56 -3.84 -0.04
C15 A2Z G . 12.49 2.62 -0.75
C16 A2Z G . 16.65 -0.32 2.14
PA FAD H . 15.23 -10.89 8.64
O1A FAD H . 14.37 -12.11 8.82
O2A FAD H . 16.09 -11.03 7.39
O5B FAD H . 16.10 -10.52 9.96
C5B FAD H . 17.52 -10.51 9.96
C4B FAD H . 18.07 -11.56 10.92
O4B FAD H . 17.41 -11.46 12.16
C3B FAD H . 17.90 -13.02 10.48
O3B FAD H . 19.15 -13.61 10.30
C2B FAD H . 17.25 -13.72 11.64
O2B FAD H . 17.90 -14.93 11.94
C1B FAD H . 17.52 -12.74 12.75
N9A FAD H . 16.62 -12.88 13.90
C8A FAD H . 15.29 -13.22 13.91
N7A FAD H . 14.90 -13.23 15.19
C5A FAD H . 15.94 -12.90 16.01
C6A FAD H . 16.09 -12.79 17.39
N6A FAD H . 15.04 -12.84 18.22
N1A FAD H . 17.33 -12.46 17.91
C2A FAD H . 18.41 -12.24 17.08
N3A FAD H . 18.24 -12.37 15.72
C4A FAD H . 17.03 -12.70 15.19
N1 FAD H . 13.21 -1.45 3.42
C2 FAD H . 13.09 -0.11 3.63
O2 FAD H . 13.76 0.45 4.50
N3 FAD H . 12.18 0.60 2.90
C4 FAD H . 11.45 0.03 1.90
O4 FAD H . 10.63 0.71 1.28
C4X FAD H . 11.58 -1.33 1.67
N5 FAD H . 10.83 -1.94 0.71
C5X FAD H . 10.96 -3.27 0.48
C6 FAD H . 10.18 -3.88 -0.51
C7 FAD H . 10.31 -5.28 -0.74
C7M FAD H . 9.44 -5.86 -1.83
C8 FAD H . 11.20 -6.03 0.04
C8M FAD H . 11.44 -7.52 -0.10
C9 FAD H . 11.94 -5.39 1.02
C9A FAD H . 11.82 -4.02 1.23
N10 FAD H . 12.58 -3.41 2.22
C10 FAD H . 12.43 -2.07 2.45
C1' FAD H . 13.53 -4.17 3.07
C2' FAD H . 12.67 -4.91 4.17
O2' FAD H . 11.78 -4.05 4.88
C3' FAD H . 13.58 -5.62 5.15
O3' FAD H . 14.23 -6.66 4.40
C4' FAD H . 12.79 -6.13 6.39
O4' FAD H . 12.23 -5.08 7.17
C5' FAD H . 13.63 -7.08 7.25
O5' FAD H . 12.81 -7.72 8.22
P FAD H . 12.89 -9.35 8.32
O1P FAD H . 12.06 -9.87 9.44
O2P FAD H . 12.51 -9.93 6.95
O3P FAD H . 14.44 -9.50 8.66
#